data_9LQ9
#
_entry.id   9LQ9
#
_cell.length_a   112.270
_cell.length_b   112.270
_cell.length_c   40.040
_cell.angle_alpha   90.00
_cell.angle_beta   90.00
_cell.angle_gamma   120.00
#
_symmetry.space_group_name_H-M   'P 65'
#
loop_
_entity.id
_entity.type
_entity.pdbx_description
1 polymer NrN
2 non-polymer 'MANGANESE (II) ION'
3 water water
#
_entity_poly.entity_id   1
_entity_poly.type   'polypeptide(L)'
_entity_poly.pdbx_seq_one_letter_code
;SMQKQAKEIKKHLFLLGGHDLEMQTIVQILTDRNVIFKDRYLQWDNALLSQYEEEIQQYGNKEPFIIYGVELKEDITPPT
NYIRIDHHNEYATYPSALEQVASILDHPLNRYQTLVAANDKAYIPGMLEIGASHEEINLIRQEDRKAQGVIEDDEKLAQE
AITNGTEKIGSLYVVFTTANKFSPICDRLYPYEKLLIYTPNELIYYGKGINSIQKILKRYTPISNIFWGGGINGFIGTVR
NRLTTNEILNIVEQIKLLEL
;
_entity_poly.pdbx_strand_id   A
#
loop_
_chem_comp.id
_chem_comp.type
_chem_comp.name
_chem_comp.formula
MN non-polymer 'MANGANESE (II) ION' 'Mn 2'
#
# COMPACT_ATOMS: atom_id res chain seq x y z
N LYS A 11 24.08 21.34 0.77
CA LYS A 11 22.90 21.40 -0.08
C LYS A 11 22.24 20.02 -0.24
N HIS A 12 21.13 19.81 0.47
CA HIS A 12 20.47 18.51 0.48
C HIS A 12 19.43 18.41 -0.63
N LEU A 13 19.38 17.23 -1.26
CA LEU A 13 18.47 16.93 -2.35
C LEU A 13 17.75 15.62 -2.05
N PHE A 14 16.43 15.64 -2.14
CA PHE A 14 15.62 14.45 -1.88
C PHE A 14 15.07 13.91 -3.19
N LEU A 15 15.19 12.61 -3.39
CA LEU A 15 14.57 11.91 -4.50
C LEU A 15 13.48 11.05 -3.89
N LEU A 16 12.25 11.24 -4.36
CA LEU A 16 11.12 10.55 -3.75
C LEU A 16 10.72 9.31 -4.54
N GLY A 17 10.14 8.35 -3.84
CA GLY A 17 9.69 7.12 -4.46
C GLY A 17 8.19 6.96 -4.54
N GLY A 18 7.68 5.81 -4.08
CA GLY A 18 6.29 5.43 -4.23
C GLY A 18 5.33 6.33 -3.49
N HIS A 19 4.21 6.66 -4.11
CA HIS A 19 3.32 7.65 -3.51
C HIS A 19 2.28 6.98 -2.61
N ASP A 20 2.27 7.41 -1.36
CA ASP A 20 1.34 7.01 -0.33
C ASP A 20 1.10 8.24 0.53
N LEU A 21 0.37 8.09 1.64
CA LEU A 21 0.18 9.23 2.53
C LEU A 21 1.49 9.73 3.11
N GLU A 22 2.39 8.81 3.44
CA GLU A 22 3.70 9.19 3.95
C GLU A 22 4.45 10.06 2.96
N MET A 23 4.59 9.59 1.72
CA MET A 23 5.32 10.36 0.72
C MET A 23 4.68 11.70 0.46
N GLN A 24 3.35 11.73 0.42
CA GLN A 24 2.65 13.00 0.26
C GLN A 24 2.84 13.89 1.48
N THR A 25 2.99 13.30 2.66
CA THR A 25 3.28 14.12 3.83
C THR A 25 4.75 14.55 3.84
N ILE A 26 5.64 13.73 3.30
CA ILE A 26 7.04 14.12 3.17
C ILE A 26 7.21 15.29 2.20
N VAL A 27 6.55 15.22 1.03
CA VAL A 27 6.59 16.31 0.07
C VAL A 27 6.18 17.63 0.73
N GLN A 28 5.18 17.58 1.60
CA GLN A 28 4.66 18.82 2.23
C GLN A 28 5.66 19.37 3.24
N ILE A 29 6.27 18.49 4.02
CA ILE A 29 7.33 18.96 4.93
C ILE A 29 8.51 19.52 4.14
N LEU A 30 8.96 18.82 3.10
CA LEU A 30 10.07 19.33 2.29
C LEU A 30 9.73 20.68 1.70
N THR A 31 8.49 20.84 1.24
CA THR A 31 8.05 22.10 0.64
C THR A 31 8.03 23.22 1.68
N ASP A 32 7.55 22.93 2.89
CA ASP A 32 7.48 23.99 3.88
C ASP A 32 8.83 24.30 4.52
N ARG A 33 9.80 23.38 4.49
CA ARG A 33 11.16 23.68 4.93
C ARG A 33 12.06 24.23 3.83
N ASN A 34 11.49 24.55 2.66
CA ASN A 34 12.26 24.86 1.45
C ASN A 34 13.45 23.95 1.16
N VAL A 35 13.22 22.66 1.08
CA VAL A 35 14.24 21.68 0.72
C VAL A 35 13.91 21.21 -0.69
N ILE A 36 14.93 21.19 -1.54
CA ILE A 36 14.74 20.76 -2.91
C ILE A 36 14.53 19.25 -2.96
N PHE A 37 13.61 18.84 -3.84
CA PHE A 37 13.29 17.44 -4.07
C PHE A 37 12.77 17.33 -5.49
N LYS A 38 12.95 16.11 -6.02
CA LYS A 38 12.38 15.76 -7.33
C LYS A 38 11.37 14.64 -7.12
N ASP A 39 10.10 14.85 -7.48
CA ASP A 39 9.04 13.86 -7.40
C ASP A 39 8.74 13.46 -8.83
N ARG A 40 9.03 12.21 -9.21
CA ARG A 40 8.67 11.74 -10.55
C ARG A 40 7.36 10.96 -10.55
N TYR A 41 6.51 11.22 -9.55
CA TYR A 41 5.15 10.70 -9.48
C TYR A 41 5.15 9.19 -9.62
N LEU A 42 6.20 8.59 -9.06
CA LEU A 42 6.41 7.17 -9.10
C LEU A 42 5.43 6.46 -8.18
N GLN A 43 5.44 5.13 -8.29
CA GLN A 43 4.49 4.25 -7.63
C GLN A 43 5.30 2.97 -7.36
N TRP A 44 4.85 2.17 -6.40
CA TRP A 44 5.67 1.02 -5.95
C TRP A 44 6.20 0.19 -7.10
N ASP A 45 5.38 -0.01 -8.12
CA ASP A 45 5.81 -0.85 -9.26
C ASP A 45 7.11 -0.31 -9.85
N ASN A 46 7.37 1.00 -9.73
CA ASN A 46 8.56 1.52 -10.40
C ASN A 46 9.38 2.46 -9.51
N ALA A 47 9.51 2.12 -8.22
CA ALA A 47 10.17 3.00 -7.24
C ALA A 47 11.66 2.65 -7.23
N LEU A 48 12.34 3.05 -8.29
CA LEU A 48 13.70 2.62 -8.61
C LEU A 48 14.65 3.81 -8.62
N LEU A 49 15.89 3.60 -8.19
CA LEU A 49 16.84 4.72 -8.25
C LEU A 49 17.16 5.08 -9.69
N SER A 50 16.94 4.16 -10.63
CA SER A 50 17.28 4.40 -12.02
C SER A 50 16.48 5.55 -12.62
N GLN A 51 15.22 5.75 -12.19
CA GLN A 51 14.46 6.85 -12.76
C GLN A 51 15.13 8.19 -12.58
N TYR A 52 15.95 8.31 -11.54
CA TYR A 52 16.56 9.60 -11.27
C TYR A 52 17.99 9.69 -11.78
N GLU A 53 18.35 8.97 -12.85
CA GLU A 53 19.78 8.97 -13.22
C GLU A 53 20.22 10.38 -13.61
N GLU A 54 19.30 11.18 -14.18
CA GLU A 54 19.68 12.52 -14.61
C GLU A 54 20.19 13.34 -13.43
N GLU A 55 19.54 13.18 -12.27
CA GLU A 55 19.97 13.85 -11.05
C GLU A 55 21.21 13.17 -10.46
N ILE A 56 21.27 11.84 -10.55
CA ILE A 56 22.43 11.12 -10.05
C ILE A 56 23.68 11.54 -10.82
N GLN A 57 23.54 11.83 -12.11
CA GLN A 57 24.70 12.23 -12.91
C GLN A 57 25.01 13.71 -12.79
N GLN A 58 24.09 14.53 -12.29
CA GLN A 58 24.39 15.93 -12.12
C GLN A 58 24.95 16.25 -10.75
N TYR A 59 24.46 15.56 -9.71
CA TYR A 59 24.86 15.85 -8.35
C TYR A 59 25.68 14.75 -7.70
N GLY A 60 25.73 13.57 -8.31
CA GLY A 60 26.35 12.42 -7.65
C GLY A 60 27.86 12.52 -7.62
N ASN A 61 28.43 12.24 -6.45
CA ASN A 61 29.86 12.32 -6.15
C ASN A 61 30.39 13.77 -6.14
N LYS A 62 29.55 14.75 -6.49
CA LYS A 62 29.90 16.17 -6.32
C LYS A 62 29.82 16.52 -4.84
N GLU A 63 30.89 17.13 -4.29
CA GLU A 63 30.96 17.31 -2.84
C GLU A 63 29.73 17.97 -2.21
N PRO A 64 29.38 19.21 -2.59
CA PRO A 64 28.43 19.98 -1.77
C PRO A 64 27.08 19.31 -1.58
N PHE A 65 26.75 18.33 -2.40
CA PHE A 65 25.39 17.76 -2.45
C PHE A 65 25.33 16.45 -1.68
N ILE A 66 24.35 16.35 -0.76
CA ILE A 66 23.87 15.08 -0.23
C ILE A 66 22.54 14.75 -0.87
N ILE A 67 22.49 13.56 -1.46
CA ILE A 67 21.29 13.02 -2.10
C ILE A 67 20.67 12.00 -1.15
N TYR A 68 19.45 12.28 -0.70
CA TYR A 68 18.68 11.33 0.10
C TYR A 68 17.69 10.60 -0.79
N GLY A 69 17.74 9.26 -0.77
CA GLY A 69 16.76 8.45 -1.45
C GLY A 69 15.71 7.95 -0.48
N VAL A 70 14.44 8.27 -0.76
CA VAL A 70 13.33 7.97 0.13
C VAL A 70 12.55 6.81 -0.49
N GLU A 71 12.78 5.61 0.04
CA GLU A 71 12.13 4.37 -0.40
C GLU A 71 12.31 4.16 -1.90
N LEU A 72 13.55 4.27 -2.31
CA LEU A 72 13.98 4.09 -3.69
C LEU A 72 14.71 2.77 -3.75
N LYS A 73 14.30 1.87 -4.67
CA LYS A 73 14.99 0.57 -4.86
C LYS A 73 16.29 0.83 -5.60
N GLU A 74 17.39 0.33 -5.06
CA GLU A 74 18.70 0.64 -5.60
C GLU A 74 19.08 -0.38 -6.67
N ASP A 75 18.56 -0.15 -7.88
CA ASP A 75 18.86 -1.05 -9.00
C ASP A 75 20.19 -0.73 -9.67
N ILE A 76 20.59 0.54 -9.66
CA ILE A 76 21.89 0.96 -10.16
C ILE A 76 22.72 1.40 -8.97
N THR A 77 24.03 1.51 -9.19
CA THR A 77 24.97 1.64 -8.10
C THR A 77 24.87 3.04 -7.50
N PRO A 78 24.50 3.18 -6.21
CA PRO A 78 24.32 4.52 -5.66
C PRO A 78 25.63 5.28 -5.62
N PRO A 79 25.59 6.62 -5.67
CA PRO A 79 26.83 7.40 -5.56
C PRO A 79 27.31 7.51 -4.12
N THR A 80 28.46 8.14 -3.93
CA THR A 80 29.06 8.22 -2.60
C THR A 80 28.33 9.17 -1.67
N ASN A 81 27.64 10.16 -2.22
CA ASN A 81 26.91 11.15 -1.45
C ASN A 81 25.42 10.82 -1.35
N TYR A 82 25.10 9.52 -1.31
CA TYR A 82 23.72 9.05 -1.26
C TYR A 82 23.43 8.51 0.13
N ILE A 83 22.36 8.99 0.75
CA ILE A 83 21.88 8.48 2.03
C ILE A 83 20.54 7.81 1.78
N ARG A 84 20.40 6.56 2.20
CA ARG A 84 19.17 5.81 1.98
C ARG A 84 18.20 6.04 3.14
N ILE A 85 16.93 6.29 2.81
CA ILE A 85 15.84 6.44 3.79
C ILE A 85 14.78 5.39 3.47
N ASP A 86 14.64 4.38 4.33
CA ASP A 86 13.66 3.31 4.11
C ASP A 86 13.27 2.68 5.44
N HIS A 87 12.39 1.68 5.37
CA HIS A 87 11.87 0.99 6.55
C HIS A 87 12.56 -0.34 6.78
N HIS A 88 12.70 -0.70 8.05
CA HIS A 88 13.34 -1.96 8.46
C HIS A 88 12.55 -2.65 9.55
N TYR A 94 11.69 0.57 14.63
CA TYR A 94 12.52 1.31 13.66
C TYR A 94 11.76 2.49 13.06
N PRO A 95 12.40 3.65 12.94
CA PRO A 95 11.66 4.82 12.46
C PRO A 95 11.23 4.72 11.00
N SER A 96 10.11 5.38 10.70
CA SER A 96 9.55 5.46 9.35
C SER A 96 10.27 6.55 8.55
N ALA A 97 10.06 6.53 7.23
CA ALA A 97 10.67 7.54 6.38
C ALA A 97 10.26 8.94 6.81
N LEU A 98 8.98 9.11 7.16
CA LEU A 98 8.50 10.40 7.63
C LEU A 98 9.24 10.85 8.88
N GLU A 99 9.40 9.95 9.85
CA GLU A 99 10.12 10.28 11.07
C GLU A 99 11.59 10.58 10.77
N GLN A 100 12.24 9.75 9.96
CA GLN A 100 13.63 9.98 9.61
C GLN A 100 13.82 11.32 8.93
N VAL A 101 13.03 11.60 7.90
CA VAL A 101 13.09 12.90 7.25
C VAL A 101 12.83 14.01 8.26
N ALA A 102 11.91 13.78 9.21
CA ALA A 102 11.61 14.80 10.21
C ALA A 102 12.74 14.99 11.19
N SER A 103 13.54 13.95 11.44
CA SER A 103 14.71 14.13 12.29
C SER A 103 15.82 14.84 11.53
N ILE A 104 15.99 14.51 10.25
CA ILE A 104 16.99 15.19 9.43
C ILE A 104 16.68 16.68 9.33
N LEU A 105 15.40 17.04 9.19
CA LEU A 105 15.02 18.44 9.10
C LEU A 105 14.71 19.08 10.44
N ASP A 106 14.83 18.33 11.56
CA ASP A 106 14.41 18.80 12.88
C ASP A 106 13.05 19.47 12.84
N HIS A 107 12.13 18.77 12.19
CA HIS A 107 10.76 19.18 12.10
C HIS A 107 9.96 18.42 13.15
N PRO A 108 9.27 19.10 14.05
CA PRO A 108 8.45 18.39 15.05
C PRO A 108 7.10 18.01 14.44
N LEU A 109 6.77 16.72 14.51
CA LEU A 109 5.60 16.19 13.82
C LEU A 109 4.32 16.63 14.53
N ASN A 110 3.34 17.12 13.76
CA ASN A 110 2.06 17.44 14.37
C ASN A 110 1.24 16.16 14.51
N ARG A 111 0.01 16.30 15.01
CA ARG A 111 -0.83 15.14 15.29
C ARG A 111 -1.16 14.37 14.01
N TYR A 112 -1.63 15.08 12.98
CA TYR A 112 -1.88 14.45 11.68
C TYR A 112 -0.67 13.66 11.21
N GLN A 113 0.53 14.21 11.39
CA GLN A 113 1.71 13.57 10.87
C GLN A 113 2.13 12.35 11.69
N THR A 114 1.88 12.37 13.01
CA THR A 114 2.17 11.18 13.80
C THR A 114 1.18 10.07 13.47
N LEU A 115 -0.03 10.43 13.10
CA LEU A 115 -0.98 9.40 12.68
C LEU A 115 -0.63 8.82 11.31
N VAL A 116 -0.09 9.65 10.42
CA VAL A 116 0.37 9.15 9.13
C VAL A 116 1.49 8.15 9.34
N ALA A 117 2.42 8.46 10.23
CA ALA A 117 3.53 7.56 10.50
C ALA A 117 3.02 6.25 11.08
N ALA A 118 2.09 6.33 12.03
CA ALA A 118 1.56 5.12 12.65
C ALA A 118 0.82 4.26 11.63
N ASN A 119 0.00 4.90 10.79
CA ASN A 119 -0.72 4.17 9.75
C ASN A 119 0.23 3.49 8.78
N ASP A 120 1.32 4.16 8.42
CA ASP A 120 2.29 3.56 7.53
C ASP A 120 2.98 2.35 8.15
N LYS A 121 3.30 2.42 9.44
CA LYS A 121 3.98 1.30 10.10
C LYS A 121 3.02 0.16 10.41
N ALA A 122 1.79 0.46 10.84
CA ALA A 122 0.97 -0.61 11.41
C ALA A 122 -0.51 -0.49 11.10
N TYR A 123 -0.89 0.22 10.05
CA TYR A 123 -2.29 0.26 9.61
C TYR A 123 -3.13 0.80 10.78
N ILE A 124 -4.37 0.34 10.93
CA ILE A 124 -5.26 0.86 11.96
C ILE A 124 -4.78 0.51 13.38
N PRO A 125 -4.26 -0.70 13.65
CA PRO A 125 -3.76 -0.94 15.01
C PRO A 125 -2.70 0.06 15.42
N GLY A 126 -1.82 0.46 14.50
CA GLY A 126 -0.82 1.46 14.83
C GLY A 126 -1.43 2.80 15.20
N MET A 127 -2.54 3.16 14.57
CA MET A 127 -3.20 4.39 14.95
C MET A 127 -3.93 4.24 16.27
N LEU A 128 -4.57 3.08 16.50
CA LEU A 128 -5.25 2.89 17.77
C LEU A 128 -4.28 2.95 18.95
N GLU A 129 -2.99 2.65 18.72
CA GLU A 129 -2.09 2.55 19.86
C GLU A 129 -1.65 3.96 20.31
N ILE A 130 -1.69 4.92 19.39
CA ILE A 130 -1.44 6.33 19.68
C ILE A 130 -2.73 7.06 20.08
N GLY A 131 -3.84 6.35 20.17
CA GLY A 131 -5.05 6.99 20.66
C GLY A 131 -5.92 7.68 19.62
N ALA A 132 -5.90 7.18 18.40
CA ALA A 132 -6.66 7.80 17.35
C ALA A 132 -8.16 7.68 17.61
N SER A 133 -8.87 8.79 17.49
CA SER A 133 -10.32 8.79 17.49
C SER A 133 -10.84 8.09 16.22
N HIS A 134 -12.10 7.69 16.26
CA HIS A 134 -12.68 6.99 15.13
C HIS A 134 -12.70 7.87 13.88
N GLU A 135 -12.89 9.18 14.04
CA GLU A 135 -12.95 10.07 12.88
C GLU A 135 -11.57 10.43 12.35
N GLU A 136 -10.53 10.37 13.17
CA GLU A 136 -9.17 10.49 12.66
C GLU A 136 -8.78 9.27 11.83
N ILE A 137 -9.16 8.07 12.29
CA ILE A 137 -8.84 6.85 11.55
C ILE A 137 -9.50 6.88 10.17
N ASN A 138 -10.80 7.20 10.13
CA ASN A 138 -11.47 7.30 8.84
C ASN A 138 -10.76 8.30 7.93
N LEU A 139 -10.39 9.46 8.48
CA LEU A 139 -9.77 10.52 7.69
C LEU A 139 -8.42 10.08 7.13
N ILE A 140 -7.59 9.46 7.98
CA ILE A 140 -6.29 8.97 7.51
C ILE A 140 -6.49 7.88 6.48
N ARG A 141 -7.37 6.92 6.78
CA ARG A 141 -7.72 5.88 5.80
C ARG A 141 -8.19 6.47 4.48
N GLN A 142 -9.16 7.38 4.52
CA GLN A 142 -9.58 8.03 3.29
C GLN A 142 -8.39 8.70 2.60
N GLU A 143 -7.56 9.44 3.36
CA GLU A 143 -6.47 10.21 2.73
C GLU A 143 -5.37 9.30 2.18
N ASP A 144 -5.13 8.15 2.80
CA ASP A 144 -4.19 7.18 2.24
C ASP A 144 -4.72 6.57 0.95
N ARG A 145 -6.03 6.28 0.88
CA ARG A 145 -6.60 5.70 -0.33
C ARG A 145 -6.54 6.68 -1.50
N LYS A 146 -6.78 7.97 -1.23
CA LYS A 146 -6.62 8.97 -2.28
C LYS A 146 -5.17 9.05 -2.72
N ALA A 147 -4.25 9.11 -1.77
CA ALA A 147 -2.84 9.28 -2.10
C ALA A 147 -2.29 8.06 -2.83
N GLN A 148 -2.97 6.92 -2.74
CA GLN A 148 -2.61 5.70 -3.44
C GLN A 148 -3.30 5.57 -4.79
N GLY A 149 -4.17 6.51 -5.16
CA GLY A 149 -4.80 6.49 -6.47
C GLY A 149 -6.17 5.86 -6.56
N VAL A 150 -6.84 5.60 -5.43
CA VAL A 150 -8.22 5.14 -5.47
C VAL A 150 -9.14 6.28 -5.86
N ILE A 151 -9.89 6.11 -6.97
CA ILE A 151 -10.80 7.14 -7.45
C ILE A 151 -12.12 7.05 -6.70
N GLU A 152 -12.88 8.15 -6.75
CA GLU A 152 -14.15 8.19 -6.06
C GLU A 152 -15.06 7.04 -6.47
N ASP A 153 -14.95 6.59 -7.72
CA ASP A 153 -15.83 5.52 -8.20
C ASP A 153 -15.66 4.24 -7.40
N ASP A 154 -14.42 3.88 -7.09
CA ASP A 154 -14.21 2.66 -6.30
C ASP A 154 -14.79 2.80 -4.91
N GLU A 155 -14.69 3.99 -4.31
CA GLU A 155 -15.31 4.22 -3.00
C GLU A 155 -16.81 3.97 -3.04
N LYS A 156 -17.47 4.43 -4.12
CA LYS A 156 -18.92 4.28 -4.21
C LYS A 156 -19.29 2.87 -4.62
N LEU A 157 -18.45 2.22 -5.44
CA LEU A 157 -18.64 0.79 -5.72
C LEU A 157 -18.35 -0.10 -4.50
N ALA A 158 -17.46 0.31 -3.59
CA ALA A 158 -17.26 -0.45 -2.36
C ALA A 158 -18.50 -0.39 -1.46
N GLN A 159 -19.19 0.75 -1.43
CA GLN A 159 -20.35 0.89 -0.57
C GLN A 159 -21.51 0.07 -1.10
N GLU A 160 -21.67 0.06 -2.43
CA GLU A 160 -22.71 -0.75 -3.03
C GLU A 160 -22.38 -2.24 -2.96
N ALA A 161 -21.10 -2.60 -3.06
CA ALA A 161 -20.73 -4.00 -2.94
C ALA A 161 -20.97 -4.50 -1.52
N ILE A 162 -20.54 -3.73 -0.52
CA ILE A 162 -20.78 -4.10 0.88
C ILE A 162 -22.28 -4.22 1.14
N THR A 163 -23.06 -3.24 0.67
CA THR A 163 -24.49 -3.18 0.97
C THR A 163 -25.30 -4.23 0.20
N ASN A 164 -24.98 -4.48 -1.08
CA ASN A 164 -25.83 -5.31 -1.94
C ASN A 164 -25.16 -6.60 -2.43
N GLY A 165 -23.84 -6.71 -2.36
CA GLY A 165 -23.19 -7.90 -2.86
C GLY A 165 -22.24 -8.59 -1.87
N THR A 166 -22.55 -8.48 -0.58
CA THR A 166 -21.76 -9.10 0.47
C THR A 166 -22.56 -10.22 1.14
N GLU A 167 -21.93 -11.37 1.29
CA GLU A 167 -22.62 -12.60 1.66
C GLU A 167 -21.74 -13.29 2.69
N LYS A 168 -22.26 -13.55 3.89
CA LYS A 168 -21.41 -14.08 4.95
C LYS A 168 -21.61 -15.59 5.04
N ILE A 169 -20.50 -16.32 5.08
CA ILE A 169 -20.48 -17.79 5.13
C ILE A 169 -19.40 -18.24 6.10
N GLY A 170 -19.81 -18.91 7.19
CA GLY A 170 -18.86 -19.19 8.26
C GLY A 170 -18.30 -17.88 8.80
N SER A 171 -16.98 -17.83 8.99
CA SER A 171 -16.30 -16.56 9.29
C SER A 171 -15.89 -15.76 8.06
N LEU A 172 -16.21 -16.24 6.85
CA LEU A 172 -15.73 -15.64 5.60
C LEU A 172 -16.69 -14.56 5.10
N TYR A 173 -16.17 -13.36 4.90
CA TYR A 173 -16.86 -12.36 4.11
C TYR A 173 -16.59 -12.60 2.62
N VAL A 174 -17.63 -12.64 1.79
CA VAL A 174 -17.45 -12.78 0.34
C VAL A 174 -18.13 -11.60 -0.36
N VAL A 175 -17.35 -10.82 -1.11
CA VAL A 175 -17.80 -9.57 -1.70
C VAL A 175 -17.58 -9.62 -3.21
N PHE A 176 -18.67 -9.53 -3.98
CA PHE A 176 -18.59 -9.37 -5.42
C PHE A 176 -18.57 -7.88 -5.74
N THR A 177 -17.68 -7.46 -6.64
CA THR A 177 -17.60 -6.04 -6.97
C THR A 177 -17.08 -5.84 -8.40
N THR A 178 -17.35 -4.66 -8.96
CA THR A 178 -16.73 -4.25 -10.23
C THR A 178 -15.66 -3.18 -10.01
N ALA A 179 -15.30 -2.89 -8.76
CA ALA A 179 -14.26 -1.94 -8.44
C ALA A 179 -12.90 -2.44 -8.94
N ASN A 180 -12.01 -1.49 -9.20
CA ASN A 180 -10.65 -1.82 -9.61
C ASN A 180 -9.64 -1.84 -8.47
N LYS A 181 -9.88 -1.10 -7.39
CA LYS A 181 -9.04 -1.09 -6.19
C LYS A 181 -9.90 -1.59 -5.05
N PHE A 182 -9.32 -2.38 -4.13
CA PHE A 182 -10.10 -3.05 -3.10
C PHE A 182 -9.92 -2.48 -1.71
N SER A 183 -8.97 -1.57 -1.50
CA SER A 183 -8.85 -0.98 -0.16
C SER A 183 -10.12 -0.29 0.31
N PRO A 184 -10.95 0.33 -0.56
CA PRO A 184 -12.20 0.90 -0.03
C PRO A 184 -13.11 -0.14 0.61
N ILE A 185 -13.01 -1.39 0.17
CA ILE A 185 -13.75 -2.49 0.79
C ILE A 185 -13.09 -2.94 2.09
N CYS A 186 -11.78 -3.25 2.04
CA CYS A 186 -11.05 -3.68 3.24
C CYS A 186 -11.23 -2.71 4.40
N ASP A 187 -11.00 -1.41 4.15
CA ASP A 187 -11.03 -0.45 5.24
C ASP A 187 -12.42 -0.32 5.87
N ARG A 188 -13.46 -0.55 5.08
CA ARG A 188 -14.82 -0.44 5.61
C ARG A 188 -15.28 -1.72 6.30
N LEU A 189 -14.66 -2.86 5.99
CA LEU A 189 -15.05 -4.10 6.65
C LEU A 189 -14.18 -4.43 7.85
N TYR A 190 -13.12 -3.68 8.07
CA TYR A 190 -12.24 -3.93 9.21
C TYR A 190 -12.96 -3.63 10.52
N PRO A 191 -12.79 -4.48 11.55
CA PRO A 191 -11.99 -5.70 11.62
C PRO A 191 -12.69 -6.94 11.04
N TYR A 192 -11.96 -7.74 10.29
CA TYR A 192 -12.48 -9.01 9.78
C TYR A 192 -11.46 -10.11 10.03
N GLU A 193 -11.95 -11.35 10.06
CA GLU A 193 -11.04 -12.49 10.03
C GLU A 193 -10.78 -13.05 8.64
N LYS A 194 -11.78 -13.16 7.77
CA LYS A 194 -11.55 -13.68 6.44
C LYS A 194 -12.35 -12.82 5.48
N LEU A 195 -11.73 -12.44 4.36
CA LEU A 195 -12.38 -11.55 3.39
C LEU A 195 -11.99 -11.98 1.99
N LEU A 196 -12.99 -12.28 1.17
CA LEU A 196 -12.78 -12.70 -0.21
C LEU A 196 -13.48 -11.70 -1.11
N ILE A 197 -12.68 -11.04 -1.94
CA ILE A 197 -13.20 -10.05 -2.88
C ILE A 197 -12.93 -10.56 -4.28
N TYR A 198 -13.96 -10.58 -5.12
CA TYR A 198 -13.78 -11.00 -6.49
C TYR A 198 -14.55 -10.09 -7.43
N THR A 199 -13.99 -9.93 -8.61
CA THR A 199 -14.55 -9.20 -9.73
C THR A 199 -14.66 -10.23 -10.83
N PRO A 200 -15.16 -9.85 -12.02
CA PRO A 200 -15.09 -10.79 -13.15
C PRO A 200 -13.68 -11.08 -13.63
N ASN A 201 -12.69 -10.29 -13.20
CA ASN A 201 -11.35 -10.37 -13.78
C ASN A 201 -10.28 -10.75 -12.78
N GLU A 202 -10.57 -10.75 -11.48
CA GLU A 202 -9.54 -11.02 -10.48
C GLU A 202 -10.21 -11.36 -9.15
N LEU A 203 -9.43 -11.95 -8.25
CA LEU A 203 -9.87 -12.19 -6.89
C LEU A 203 -8.69 -11.99 -5.95
N ILE A 204 -8.97 -11.46 -4.77
CA ILE A 204 -7.97 -11.37 -3.71
C ILE A 204 -8.60 -11.87 -2.42
N TYR A 205 -7.82 -12.64 -1.67
CA TYR A 205 -8.25 -13.22 -0.41
C TYR A 205 -7.43 -12.58 0.70
N TYR A 206 -8.09 -12.10 1.74
CA TYR A 206 -7.42 -11.46 2.87
C TYR A 206 -7.75 -12.21 4.14
N GLY A 207 -6.76 -12.37 4.99
CA GLY A 207 -7.01 -12.93 6.30
C GLY A 207 -6.38 -14.29 6.46
N LYS A 208 -6.94 -15.05 7.39
CA LYS A 208 -6.33 -16.28 7.84
C LYS A 208 -6.49 -17.41 6.83
N GLY A 209 -5.50 -18.31 6.82
CA GLY A 209 -5.51 -19.51 6.00
C GLY A 209 -5.03 -19.36 4.57
N ILE A 210 -4.02 -18.51 4.32
CA ILE A 210 -3.64 -18.19 2.95
C ILE A 210 -3.08 -19.43 2.26
N ASN A 211 -2.49 -20.34 3.03
CA ASN A 211 -1.86 -21.51 2.46
C ASN A 211 -2.89 -22.50 1.92
N SER A 212 -4.07 -22.56 2.53
CA SER A 212 -5.10 -23.44 1.97
C SER A 212 -5.72 -22.82 0.71
N ILE A 213 -5.85 -21.49 0.67
CA ILE A 213 -6.22 -20.81 -0.57
C ILE A 213 -5.15 -21.01 -1.64
N GLN A 214 -3.89 -21.12 -1.24
CA GLN A 214 -2.80 -21.31 -2.20
C GLN A 214 -2.97 -22.61 -2.96
N LYS A 215 -3.33 -23.68 -2.25
CA LYS A 215 -3.55 -24.96 -2.91
C LYS A 215 -4.60 -24.85 -4.00
N ILE A 216 -5.67 -24.11 -3.73
CA ILE A 216 -6.76 -23.97 -4.69
C ILE A 216 -6.30 -23.20 -5.92
N LEU A 217 -5.67 -22.04 -5.72
CA LEU A 217 -5.18 -21.24 -6.85
C LEU A 217 -4.22 -22.01 -7.73
N LYS A 218 -3.37 -22.88 -7.15
CA LYS A 218 -2.40 -23.55 -8.00
C LYS A 218 -3.09 -24.60 -8.86
N ARG A 219 -4.27 -25.06 -8.42
CA ARG A 219 -4.98 -26.03 -9.23
C ARG A 219 -5.51 -25.35 -10.48
N TYR A 220 -5.28 -24.04 -10.61
CA TYR A 220 -5.88 -23.28 -11.69
C TYR A 220 -4.94 -22.34 -12.42
N THR A 221 -3.76 -22.03 -11.90
CA THR A 221 -2.90 -21.06 -12.56
C THR A 221 -1.48 -21.26 -12.06
N PRO A 222 -0.48 -20.92 -12.86
CA PRO A 222 0.90 -20.94 -12.33
C PRO A 222 1.10 -19.93 -11.21
N ILE A 223 2.16 -20.16 -10.44
CA ILE A 223 2.51 -19.28 -9.32
C ILE A 223 3.05 -17.94 -9.77
N SER A 224 3.41 -17.84 -11.05
CA SER A 224 3.80 -16.56 -11.64
C SER A 224 2.68 -15.54 -11.60
N ASN A 225 1.41 -16.00 -11.60
CA ASN A 225 0.25 -15.11 -11.60
C ASN A 225 -0.37 -14.92 -10.21
N ILE A 226 0.19 -15.53 -9.17
CA ILE A 226 -0.32 -15.41 -7.82
C ILE A 226 0.60 -14.46 -7.04
N PHE A 227 0.02 -13.54 -6.30
CA PHE A 227 0.81 -12.69 -5.42
C PHE A 227 0.30 -12.86 -3.98
N TRP A 228 1.22 -12.75 -3.03
CA TRP A 228 0.85 -12.98 -1.64
C TRP A 228 1.71 -12.13 -0.70
N GLY A 229 1.21 -11.94 0.51
CA GLY A 229 2.00 -11.44 1.62
C GLY A 229 1.61 -12.11 2.92
N GLY A 230 2.55 -12.38 3.82
CA GLY A 230 2.25 -13.13 5.02
C GLY A 230 1.71 -12.27 6.16
N GLY A 231 1.59 -12.89 7.33
CA GLY A 231 1.26 -12.17 8.56
C GLY A 231 -0.21 -11.99 8.85
N ILE A 232 -0.47 -11.15 9.86
CA ILE A 232 -1.85 -10.88 10.31
C ILE A 232 -2.60 -10.05 9.28
N ASN A 233 -1.89 -9.19 8.56
CA ASN A 233 -2.48 -8.52 7.41
C ASN A 233 -2.16 -9.25 6.11
N GLY A 234 -2.21 -10.60 6.16
CA GLY A 234 -1.85 -11.41 5.01
C GLY A 234 -2.92 -11.41 3.93
N PHE A 235 -2.47 -11.72 2.72
CA PHE A 235 -3.34 -11.69 1.54
C PHE A 235 -2.76 -12.62 0.48
N ILE A 236 -3.63 -13.08 -0.40
CA ILE A 236 -3.16 -13.84 -1.55
C ILE A 236 -4.16 -13.61 -2.69
N GLY A 237 -3.63 -13.35 -3.88
CA GLY A 237 -4.54 -13.06 -4.98
C GLY A 237 -3.92 -13.37 -6.33
N THR A 238 -4.76 -13.20 -7.34
CA THR A 238 -4.41 -13.44 -8.73
C THR A 238 -4.28 -12.11 -9.46
N VAL A 239 -3.26 -12.02 -10.33
CA VAL A 239 -3.10 -10.84 -11.17
C VAL A 239 -4.26 -10.73 -12.16
N ARG A 240 -4.80 -9.52 -12.29
CA ARG A 240 -5.92 -9.21 -13.16
C ARG A 240 -5.83 -9.88 -14.54
N ASN A 241 -6.97 -10.40 -15.00
CA ASN A 241 -7.16 -11.03 -16.30
C ASN A 241 -6.24 -12.21 -16.54
N ARG A 242 -5.58 -12.74 -15.51
CA ARG A 242 -4.80 -13.95 -15.72
C ARG A 242 -5.63 -15.22 -15.57
N LEU A 243 -6.80 -15.13 -14.96
CA LEU A 243 -7.80 -16.20 -14.91
C LEU A 243 -9.06 -15.74 -15.64
N THR A 244 -9.71 -16.70 -16.30
CA THR A 244 -11.04 -16.48 -16.88
C THR A 244 -12.08 -16.33 -15.78
N THR A 245 -13.18 -15.63 -16.11
CA THR A 245 -14.27 -15.44 -15.16
C THR A 245 -14.79 -16.76 -14.62
N ASN A 246 -15.01 -17.73 -15.52
CA ASN A 246 -15.43 -19.06 -15.11
C ASN A 246 -14.51 -19.65 -14.05
N GLU A 247 -13.19 -19.54 -14.26
CA GLU A 247 -12.25 -20.06 -13.26
C GLU A 247 -12.37 -19.33 -11.94
N ILE A 248 -12.57 -18.00 -11.98
CA ILE A 248 -12.69 -17.26 -10.73
C ILE A 248 -13.93 -17.69 -9.97
N LEU A 249 -15.08 -17.76 -10.67
CA LEU A 249 -16.31 -18.25 -10.07
C LEU A 249 -16.15 -19.62 -9.41
N ASN A 250 -15.42 -20.53 -10.06
CA ASN A 250 -15.20 -21.86 -9.49
C ASN A 250 -14.32 -21.80 -8.24
N ILE A 251 -13.21 -21.06 -8.33
CA ILE A 251 -12.37 -20.85 -7.17
C ILE A 251 -13.16 -20.26 -6.01
N VAL A 252 -14.05 -19.28 -6.28
CA VAL A 252 -14.83 -18.67 -5.19
C VAL A 252 -15.63 -19.74 -4.45
N GLU A 253 -16.39 -20.55 -5.21
CA GLU A 253 -17.17 -21.65 -4.61
C GLU A 253 -16.30 -22.54 -3.73
N GLN A 254 -15.12 -22.95 -4.23
CA GLN A 254 -14.28 -23.87 -3.46
C GLN A 254 -13.75 -23.24 -2.18
N ILE A 255 -13.54 -21.93 -2.19
CA ILE A 255 -13.14 -21.24 -0.97
C ILE A 255 -14.30 -21.21 0.02
N LYS A 256 -15.53 -21.07 -0.50
CA LYS A 256 -16.70 -21.12 0.36
C LYS A 256 -16.97 -22.52 0.89
N LEU A 257 -16.59 -23.55 0.14
CA LEU A 257 -16.69 -24.93 0.65
C LEU A 257 -15.65 -25.24 1.70
N LEU A 258 -14.64 -24.38 1.87
CA LEU A 258 -13.69 -24.53 2.97
C LEU A 258 -14.32 -24.16 4.31
N GLU A 259 -15.36 -23.32 4.30
CA GLU A 259 -16.19 -23.08 5.48
C GLU A 259 -17.24 -24.16 5.65
N LEU A 260 -17.28 -25.09 4.70
CA LEU A 260 -18.23 -26.21 4.60
C LEU A 260 -19.65 -25.70 4.28
MN MN B . 6.86 3.98 4.64
#